data_4CMZ
#
_entry.id   4CMZ
#
_cell.length_a   79.840
_cell.length_b   79.840
_cell.length_c   81.070
_cell.angle_alpha   90.00
_cell.angle_beta   90.00
_cell.angle_gamma   120.00
#
_symmetry.space_group_name_H-M   'P 32 2 1'
#
loop_
_entity.id
_entity.type
_entity.pdbx_description
1 polymer PERIAXIN
2 water water
#
_entity_poly.entity_id   1
_entity_poly.type   'polypeptide(L)'
_entity_poly.pdbx_seq_one_letter_code
;GAELVEIIVETEAQTGVSGINVAGGGKEGIFVRELREDSPAARSLSLQEGDQLLSARVFFENFKYEDALRLLQCAEPYKV
SFCLKRTVPTGD
;
_entity_poly.pdbx_strand_id   A,B,C
#
# COMPACT_ATOMS: atom_id res chain seq x y z
N ALA A 2 -30.45 -17.48 -26.17
CA ALA A 2 -30.10 -18.88 -26.36
C ALA A 2 -28.61 -19.04 -26.65
N GLU A 3 -28.12 -18.31 -27.65
CA GLU A 3 -26.71 -18.33 -28.00
C GLU A 3 -25.89 -17.62 -26.92
N LEU A 4 -24.91 -18.32 -26.37
CA LEU A 4 -24.08 -17.76 -25.32
C LEU A 4 -22.92 -16.95 -25.90
N VAL A 5 -22.63 -15.81 -25.27
CA VAL A 5 -21.54 -14.94 -25.71
C VAL A 5 -20.82 -14.38 -24.48
N GLU A 6 -19.63 -13.82 -24.68
CA GLU A 6 -18.85 -13.24 -23.58
C GLU A 6 -18.83 -11.72 -23.60
N ILE A 7 -19.08 -11.10 -22.44
CA ILE A 7 -19.04 -9.64 -22.32
C ILE A 7 -18.10 -9.19 -21.21
N ILE A 8 -17.47 -8.04 -21.41
CA ILE A 8 -16.67 -7.41 -20.36
C ILE A 8 -17.45 -6.23 -19.82
N VAL A 9 -17.64 -6.21 -18.50
CA VAL A 9 -18.41 -5.14 -17.88
C VAL A 9 -17.60 -4.37 -16.83
N GLU A 10 -17.67 -3.05 -16.90
CA GLU A 10 -17.13 -2.19 -15.86
C GLU A 10 -18.30 -1.70 -15.02
N THR A 11 -18.39 -2.14 -13.77
CA THR A 11 -19.54 -1.80 -12.93
C THR A 11 -19.53 -0.33 -12.54
N GLU A 12 -20.70 0.23 -12.25
CA GLU A 12 -20.80 1.60 -11.79
C GLU A 12 -20.16 1.72 -10.40
N ALA A 13 -19.31 2.72 -10.20
CA ALA A 13 -18.65 2.90 -8.91
C ALA A 13 -19.66 3.09 -7.80
N GLN A 14 -19.53 2.28 -6.75
CA GLN A 14 -20.46 2.34 -5.63
C GLN A 14 -19.66 2.29 -4.35
N THR A 15 -20.10 3.06 -3.35
CA THR A 15 -19.36 3.18 -2.12
C THR A 15 -19.87 2.19 -1.07
N GLY A 16 -18.93 1.47 -0.46
CA GLY A 16 -19.27 0.52 0.58
C GLY A 16 -19.98 -0.73 0.09
N VAL A 17 -19.37 -1.41 -0.87
CA VAL A 17 -19.93 -2.68 -1.35
C VAL A 17 -19.20 -3.86 -0.73
N SER A 18 -19.88 -4.57 0.15
CA SER A 18 -19.34 -5.75 0.80
C SER A 18 -20.36 -6.87 0.73
N GLY A 19 -19.93 -8.08 1.03
CA GLY A 19 -20.80 -9.24 0.84
C GLY A 19 -20.47 -10.00 -0.43
N ILE A 20 -19.31 -9.72 -1.01
CA ILE A 20 -18.85 -10.44 -2.19
C ILE A 20 -18.02 -11.64 -1.78
N ASN A 21 -18.51 -12.85 -2.08
CA ASN A 21 -17.73 -14.05 -1.82
C ASN A 21 -17.25 -14.69 -3.12
N VAL A 22 -15.96 -15.04 -3.13
CA VAL A 22 -15.27 -15.46 -4.34
C VAL A 22 -14.64 -16.85 -4.22
N ALA A 23 -14.27 -17.43 -5.35
CA ALA A 23 -13.61 -18.72 -5.38
C ALA A 23 -12.55 -18.77 -6.49
N GLY A 24 -11.65 -19.74 -6.41
CA GLY A 24 -10.63 -19.90 -7.44
C GLY A 24 -9.38 -19.10 -7.15
N GLY A 25 -8.59 -18.85 -8.19
CA GLY A 25 -7.37 -18.07 -8.07
C GLY A 25 -6.31 -18.52 -9.06
N GLY A 26 -5.10 -17.98 -8.94
CA GLY A 26 -3.98 -18.37 -9.77
C GLY A 26 -4.24 -18.31 -11.27
N LYS A 27 -3.81 -19.36 -11.97
CA LYS A 27 -3.94 -19.42 -13.42
C LYS A 27 -5.42 -19.38 -13.84
N GLU A 28 -6.29 -19.90 -12.97
CA GLU A 28 -7.73 -19.86 -13.21
C GLU A 28 -8.28 -18.44 -13.13
N GLY A 29 -7.90 -17.73 -12.05
CA GLY A 29 -8.42 -16.40 -11.82
C GLY A 29 -9.47 -16.37 -10.72
N ILE A 30 -10.01 -15.19 -10.44
CA ILE A 30 -11.00 -15.02 -9.38
C ILE A 30 -12.41 -14.95 -9.96
N PHE A 31 -13.34 -15.64 -9.31
CA PHE A 31 -14.73 -15.67 -9.77
C PHE A 31 -15.69 -15.31 -8.64
N VAL A 32 -16.82 -14.73 -8.99
CA VAL A 32 -17.82 -14.41 -7.98
C VAL A 32 -18.68 -15.64 -7.75
N ARG A 33 -18.65 -16.16 -6.53
CA ARG A 33 -19.46 -17.32 -6.20
C ARG A 33 -20.72 -16.96 -5.43
N GLU A 34 -20.60 -16.40 -4.24
CA GLU A 34 -21.80 -16.13 -3.45
C GLU A 34 -21.98 -14.66 -3.08
N LEU A 35 -23.12 -14.10 -3.45
CA LEU A 35 -23.48 -12.78 -2.98
C LEU A 35 -24.27 -12.91 -1.68
N ARG A 36 -23.69 -12.39 -0.61
CA ARG A 36 -24.27 -12.46 0.73
C ARG A 36 -25.65 -11.79 0.75
N GLU A 37 -26.62 -12.48 1.35
CA GLU A 37 -27.98 -11.96 1.44
C GLU A 37 -28.02 -10.65 2.21
N ASP A 38 -28.83 -9.71 1.72
CA ASP A 38 -29.03 -8.41 2.34
C ASP A 38 -27.81 -7.48 2.30
N SER A 39 -26.66 -8.00 1.88
CA SER A 39 -25.46 -7.18 1.79
C SER A 39 -25.63 -6.14 0.70
N PRO A 40 -24.89 -5.02 0.79
CA PRO A 40 -24.96 -3.98 -0.24
C PRO A 40 -24.55 -4.50 -1.62
N ALA A 41 -23.82 -5.61 -1.65
CA ALA A 41 -23.42 -6.24 -2.89
C ALA A 41 -24.62 -6.83 -3.63
N ALA A 42 -25.47 -7.54 -2.90
CA ALA A 42 -26.66 -8.13 -3.50
C ALA A 42 -27.69 -7.06 -3.85
N ARG A 43 -27.69 -5.95 -3.11
CA ARG A 43 -28.61 -4.85 -3.38
C ARG A 43 -28.08 -3.94 -4.48
N SER A 44 -26.81 -4.13 -4.82
CA SER A 44 -26.17 -3.32 -5.87
C SER A 44 -26.62 -3.76 -7.25
N LEU A 45 -26.78 -5.07 -7.41
CA LEU A 45 -27.18 -5.69 -8.68
C LEU A 45 -26.12 -5.54 -9.78
N SER A 46 -25.02 -4.84 -9.46
CA SER A 46 -23.90 -4.69 -10.38
C SER A 46 -23.20 -6.03 -10.64
N LEU A 47 -23.26 -6.93 -9.65
CA LEU A 47 -22.53 -8.19 -9.73
C LEU A 47 -23.43 -9.41 -9.85
N GLN A 48 -22.92 -10.44 -10.54
CA GLN A 48 -23.61 -11.73 -10.64
C GLN A 48 -22.65 -12.88 -10.33
N GLU A 49 -23.19 -14.02 -9.95
CA GLU A 49 -22.37 -15.19 -9.62
C GLU A 49 -21.82 -15.86 -10.87
N GLY A 50 -20.64 -16.45 -10.75
CA GLY A 50 -19.97 -17.09 -11.86
C GLY A 50 -19.18 -16.09 -12.69
N ASP A 51 -19.47 -14.80 -12.52
CA ASP A 51 -18.72 -13.75 -13.21
C ASP A 51 -17.28 -13.77 -12.74
N GLN A 52 -16.36 -13.59 -13.67
CA GLN A 52 -14.94 -13.50 -13.33
C GLN A 52 -14.60 -12.06 -13.05
N LEU A 53 -13.82 -11.81 -12.00
CA LEU A 53 -13.37 -10.45 -11.72
C LEU A 53 -12.01 -10.25 -12.39
N LEU A 54 -11.99 -9.41 -13.42
CA LEU A 54 -10.77 -9.13 -14.15
C LEU A 54 -9.93 -8.16 -13.34
N SER A 55 -10.57 -7.12 -12.84
CA SER A 55 -9.87 -6.12 -12.05
C SER A 55 -10.82 -5.40 -11.11
N ALA A 56 -10.26 -4.82 -10.06
CA ALA A 56 -11.02 -3.97 -9.16
C ALA A 56 -10.36 -2.60 -9.14
N ARG A 57 -11.15 -1.56 -9.37
CA ARG A 57 -10.64 -0.20 -9.26
CA ARG A 57 -10.66 -0.19 -9.28
C ARG A 57 -11.09 0.39 -7.94
N VAL A 58 -10.11 0.60 -7.06
CA VAL A 58 -10.39 1.10 -5.72
C VAL A 58 -10.08 2.59 -5.60
N PHE A 59 -11.08 3.37 -5.18
CA PHE A 59 -10.93 4.82 -5.11
C PHE A 59 -10.44 5.27 -3.73
N PHE A 60 -9.48 6.20 -3.74
CA PHE A 60 -8.80 6.61 -2.51
C PHE A 60 -9.52 7.76 -1.80
N GLU A 61 -10.68 8.12 -2.31
CA GLU A 61 -11.54 9.12 -1.68
C GLU A 61 -11.90 8.74 -0.25
N ASN A 62 -11.63 9.65 0.69
CA ASN A 62 -11.85 9.42 2.11
C ASN A 62 -11.26 8.10 2.66
N PHE A 63 -10.13 7.70 2.12
CA PHE A 63 -9.49 6.45 2.52
C PHE A 63 -8.68 6.66 3.78
N LYS A 64 -8.86 5.78 4.76
CA LYS A 64 -8.05 5.85 5.97
C LYS A 64 -6.65 5.30 5.67
N TYR A 65 -5.64 5.85 6.32
CA TYR A 65 -4.25 5.59 5.99
C TYR A 65 -3.84 4.11 6.02
N GLU A 66 -4.06 3.46 7.17
CA GLU A 66 -3.68 2.06 7.34
C GLU A 66 -4.40 1.10 6.39
N ASP A 67 -5.59 1.48 5.94
CA ASP A 67 -6.30 0.67 4.95
C ASP A 67 -5.63 0.77 3.60
N ALA A 68 -5.17 1.98 3.25
CA ALA A 68 -4.46 2.18 1.98
C ALA A 68 -3.16 1.41 2.02
N LEU A 69 -2.50 1.45 3.17
CA LEU A 69 -1.29 0.66 3.37
C LEU A 69 -1.56 -0.81 3.13
N ARG A 70 -2.51 -1.36 3.88
CA ARG A 70 -2.86 -2.78 3.77
C ARG A 70 -3.16 -3.16 2.32
N LEU A 71 -3.86 -2.27 1.63
CA LEU A 71 -4.21 -2.47 0.22
C LEU A 71 -2.97 -2.58 -0.67
N LEU A 72 -2.11 -1.57 -0.62
CA LEU A 72 -0.94 -1.56 -1.51
C LEU A 72 0.04 -2.69 -1.16
N GLN A 73 0.15 -2.99 0.12
CA GLN A 73 0.94 -4.12 0.61
C GLN A 73 0.40 -5.41 -0.01
N CYS A 74 -0.92 -5.53 -0.01
CA CYS A 74 -1.59 -6.71 -0.53
C CYS A 74 -1.42 -6.86 -2.03
N ALA A 75 -1.38 -5.73 -2.73
CA ALA A 75 -1.31 -5.75 -4.20
C ALA A 75 0.10 -5.74 -4.79
N GLU A 76 1.13 -5.67 -3.94
CA GLU A 76 2.50 -5.56 -4.45
C GLU A 76 2.95 -6.66 -5.42
N PRO A 77 2.71 -7.94 -5.09
CA PRO A 77 3.11 -8.97 -6.05
C PRO A 77 2.38 -8.94 -7.41
N TYR A 78 1.27 -8.22 -7.52
CA TYR A 78 0.45 -8.25 -8.74
C TYR A 78 0.53 -7.02 -9.65
N LYS A 79 -0.18 -7.07 -10.77
CA LYS A 79 -0.22 -5.97 -11.73
C LYS A 79 -1.13 -4.84 -11.28
N VAL A 80 -0.61 -3.63 -11.23
CA VAL A 80 -1.38 -2.48 -10.78
C VAL A 80 -1.19 -1.28 -11.72
N SER A 81 -2.26 -0.52 -11.92
CA SER A 81 -2.17 0.77 -12.59
C SER A 81 -2.83 1.81 -11.69
N PHE A 82 -2.26 3.00 -11.64
CA PHE A 82 -2.83 4.08 -10.84
C PHE A 82 -3.42 5.15 -11.73
N CYS A 83 -4.48 5.77 -11.24
CA CYS A 83 -4.99 7.00 -11.85
C CYS A 83 -4.58 8.13 -10.89
N LEU A 84 -3.73 9.02 -11.37
CA LEU A 84 -3.20 10.07 -10.48
C LEU A 84 -3.38 11.50 -11.00
N LYS A 85 -3.32 12.46 -10.08
CA LYS A 85 -3.48 13.88 -10.39
C LYS A 85 -2.16 14.62 -10.12
N ARG A 86 -1.65 15.35 -11.11
CA ARG A 86 -0.39 16.09 -10.94
C ARG A 86 -0.43 17.52 -11.50
N THR A 87 0.15 18.48 -10.79
CA THR A 87 0.18 19.87 -11.24
C THR A 87 1.28 20.13 -12.27
N VAL A 88 1.04 21.09 -13.17
CA VAL A 88 1.99 21.41 -14.24
C VAL A 88 2.18 22.92 -14.41
N PRO A 89 3.33 23.33 -15.00
CA PRO A 89 3.76 24.72 -15.24
C PRO A 89 2.86 25.64 -16.09
N THR A 90 1.86 25.09 -16.80
CA THR A 90 1.06 25.87 -17.77
C THR A 90 1.87 26.46 -18.93
N GLY A 91 2.31 25.62 -19.85
CA GLY A 91 1.95 24.21 -19.86
C GLY A 91 1.53 23.73 -21.24
N ALA B 2 -6.62 30.30 -17.18
CA ALA B 2 -5.22 30.45 -16.83
C ALA B 2 -4.90 29.76 -15.51
N GLU B 3 -3.88 30.28 -14.81
CA GLU B 3 -3.44 29.77 -13.50
C GLU B 3 -3.30 28.25 -13.35
N LEU B 4 -3.90 27.69 -12.30
CA LEU B 4 -3.74 26.27 -11.96
C LEU B 4 -4.17 25.29 -13.05
N VAL B 5 -3.29 24.36 -13.40
CA VAL B 5 -3.61 23.29 -14.32
C VAL B 5 -3.05 21.93 -13.87
N GLU B 6 -3.92 20.95 -13.74
CA GLU B 6 -3.53 19.64 -13.22
C GLU B 6 -3.72 18.55 -14.26
N ILE B 7 -2.73 17.69 -14.42
CA ILE B 7 -2.80 16.59 -15.38
C ILE B 7 -3.27 15.31 -14.69
N ILE B 8 -4.20 14.59 -15.33
CA ILE B 8 -4.65 13.31 -14.82
C ILE B 8 -4.06 12.18 -15.66
N VAL B 9 -3.22 11.37 -15.02
CA VAL B 9 -2.50 10.34 -15.74
C VAL B 9 -2.98 8.94 -15.35
N GLU B 10 -3.03 8.05 -16.33
CA GLU B 10 -3.26 6.64 -16.07
C GLU B 10 -1.94 5.92 -16.37
N THR B 11 -1.28 5.42 -15.34
CA THR B 11 -0.01 4.73 -15.51
C THR B 11 -0.19 3.41 -16.26
N GLU B 12 0.91 2.91 -16.82
CA GLU B 12 0.92 1.59 -17.46
C GLU B 12 0.92 0.50 -16.37
N ALA B 13 -0.01 -0.44 -16.48
CA ALA B 13 -0.10 -1.52 -15.49
C ALA B 13 1.16 -2.39 -15.45
N GLN B 14 1.73 -2.54 -14.28
CA GLN B 14 2.95 -3.32 -14.07
C GLN B 14 2.92 -4.07 -12.75
N THR B 15 3.81 -5.03 -12.59
CA THR B 15 3.89 -5.81 -11.35
C THR B 15 4.89 -5.21 -10.37
N GLY B 16 4.45 -5.00 -9.13
CA GLY B 16 5.32 -4.52 -8.08
C GLY B 16 5.42 -3.01 -7.95
N VAL B 17 4.49 -2.31 -8.58
CA VAL B 17 4.51 -0.85 -8.56
C VAL B 17 3.75 -0.30 -7.35
N SER B 18 3.03 -1.17 -6.66
CA SER B 18 2.23 -0.73 -5.50
C SER B 18 3.03 -0.84 -4.21
N GLY B 19 4.30 -1.22 -4.33
CA GLY B 19 5.17 -1.35 -3.19
C GLY B 19 5.74 -0.02 -2.77
N ILE B 20 5.13 1.08 -3.23
CA ILE B 20 5.59 2.41 -2.89
C ILE B 20 5.18 2.79 -1.49
N ASN B 21 5.62 3.95 -1.04
CA ASN B 21 5.23 4.48 0.26
C ASN B 21 4.27 5.64 0.06
N VAL B 22 3.21 5.69 0.86
CA VAL B 22 2.19 6.72 0.69
C VAL B 22 1.92 7.48 1.99
N ALA B 23 1.27 8.63 1.86
CA ALA B 23 0.99 9.50 2.99
C ALA B 23 -0.40 10.11 2.89
N GLY B 24 -0.85 10.71 3.98
CA GLY B 24 -2.16 11.33 4.02
C GLY B 24 -3.23 10.34 4.41
N GLY B 25 -4.45 10.65 4.02
CA GLY B 25 -5.60 9.82 4.32
C GLY B 25 -6.82 10.70 4.49
N GLY B 26 -7.93 10.12 4.93
CA GLY B 26 -9.14 10.88 5.17
C GLY B 26 -9.55 11.72 3.98
N LYS B 27 -10.09 12.90 4.27
CA LYS B 27 -10.58 13.79 3.23
C LYS B 27 -9.44 14.48 2.47
N GLU B 28 -8.24 14.41 3.03
CA GLU B 28 -7.08 15.06 2.42
CA GLU B 28 -7.05 15.03 2.43
C GLU B 28 -6.65 14.38 1.11
N GLY B 29 -6.76 13.05 1.07
CA GLY B 29 -6.36 12.29 -0.11
C GLY B 29 -5.08 11.53 0.14
N ILE B 30 -4.77 10.57 -0.73
CA ILE B 30 -3.55 9.76 -0.62
C ILE B 30 -2.47 10.24 -1.58
N PHE B 31 -1.29 10.55 -1.04
CA PHE B 31 -0.22 11.10 -1.86
C PHE B 31 1.05 10.25 -1.81
N VAL B 32 1.83 10.25 -2.90
CA VAL B 32 3.05 9.46 -2.92
C VAL B 32 4.15 10.15 -2.14
N ARG B 33 4.66 9.51 -1.10
CA ARG B 33 5.80 10.05 -0.35
C ARG B 33 7.10 9.61 -1.02
N GLU B 34 8.24 9.82 -0.34
CA GLU B 34 9.55 9.74 -0.99
C GLU B 34 9.76 8.45 -1.77
N LEU B 35 10.15 8.60 -3.03
CA LEU B 35 10.36 7.46 -3.93
C LEU B 35 11.60 6.70 -3.51
N ARG B 36 11.45 5.40 -3.31
CA ARG B 36 12.58 4.55 -2.94
C ARG B 36 13.56 4.55 -4.10
N GLU B 37 14.83 4.28 -3.82
CA GLU B 37 15.87 4.60 -4.78
C GLU B 37 15.97 3.61 -5.93
N ASP B 38 15.77 4.13 -7.14
CA ASP B 38 15.92 3.38 -8.39
C ASP B 38 15.26 2.01 -8.43
N SER B 39 14.06 1.93 -7.86
CA SER B 39 13.23 0.72 -7.92
C SER B 39 12.42 0.73 -9.21
N PRO B 40 11.89 -0.44 -9.63
CA PRO B 40 10.98 -0.53 -10.77
C PRO B 40 9.83 0.48 -10.76
N ALA B 41 9.24 0.74 -9.60
CA ALA B 41 8.14 1.69 -9.53
C ALA B 41 8.61 3.10 -9.84
N ALA B 42 9.86 3.39 -9.49
CA ALA B 42 10.45 4.69 -9.76
C ALA B 42 10.89 4.83 -11.22
N ARG B 43 11.52 3.79 -11.75
CA ARG B 43 12.10 3.86 -13.10
C ARG B 43 11.04 3.88 -14.20
N SER B 44 9.81 3.48 -13.87
CA SER B 44 8.70 3.75 -14.77
C SER B 44 8.45 5.25 -14.69
N LEU B 45 8.49 5.92 -15.84
CA LEU B 45 8.46 7.38 -15.87
C LEU B 45 7.12 7.93 -15.39
N SER B 46 6.15 7.05 -15.21
CA SER B 46 4.80 7.47 -14.83
C SER B 46 4.68 8.01 -13.40
N LEU B 47 5.10 7.23 -12.41
CA LEU B 47 4.82 7.58 -11.01
C LEU B 47 5.88 8.48 -10.38
N GLN B 48 5.41 9.54 -9.71
CA GLN B 48 6.30 10.55 -9.13
C GLN B 48 5.89 10.94 -7.70
N GLU B 49 6.87 11.40 -6.92
CA GLU B 49 6.64 11.86 -5.55
C GLU B 49 5.75 13.09 -5.57
N GLY B 50 4.78 13.14 -4.65
CA GLY B 50 3.86 14.27 -4.57
C GLY B 50 2.55 14.04 -5.31
N ASP B 51 2.53 13.06 -6.20
CA ASP B 51 1.32 12.75 -6.95
C ASP B 51 0.20 12.37 -6.00
N GLN B 52 -1.02 12.78 -6.34
CA GLN B 52 -2.18 12.31 -5.59
C GLN B 52 -2.71 11.08 -6.29
N LEU B 53 -2.94 10.01 -5.56
CA LEU B 53 -3.51 8.83 -6.17
C LEU B 53 -5.03 8.90 -6.07
N LEU B 54 -5.68 9.00 -7.22
CA LEU B 54 -7.14 9.07 -7.27
C LEU B 54 -7.71 7.67 -7.06
N SER B 55 -7.15 6.69 -7.76
CA SER B 55 -7.62 5.32 -7.67
C SER B 55 -6.52 4.33 -8.01
N ALA B 56 -6.67 3.10 -7.53
CA ALA B 56 -5.82 2.00 -7.94
C ALA B 56 -6.67 1.00 -8.68
N ARG B 57 -6.24 0.62 -9.88
CA ARG B 57 -6.87 -0.50 -10.57
C ARG B 57 -6.01 -1.73 -10.34
N VAL B 58 -6.57 -2.71 -9.63
CA VAL B 58 -5.84 -3.93 -9.29
C VAL B 58 -6.30 -5.12 -10.14
N PHE B 59 -5.36 -5.74 -10.84
CA PHE B 59 -5.70 -6.86 -11.72
C PHE B 59 -5.59 -8.20 -11.01
N PHE B 60 -6.57 -9.06 -11.26
CA PHE B 60 -6.71 -10.34 -10.59
C PHE B 60 -6.00 -11.49 -11.31
N GLU B 61 -5.28 -11.15 -12.37
CA GLU B 61 -4.44 -12.12 -13.08
C GLU B 61 -3.49 -12.82 -12.12
N ASN B 62 -3.44 -14.15 -12.20
CA ASN B 62 -2.55 -14.96 -11.35
C ASN B 62 -2.64 -14.67 -9.85
N PHE B 63 -3.85 -14.42 -9.36
CA PHE B 63 -4.02 -13.99 -7.97
C PHE B 63 -4.18 -15.16 -7.00
N LYS B 64 -3.48 -15.09 -5.88
CA LYS B 64 -3.73 -16.02 -4.77
C LYS B 64 -5.07 -15.71 -4.11
N TYR B 65 -5.88 -16.76 -3.91
CA TYR B 65 -7.23 -16.65 -3.37
C TYR B 65 -7.29 -15.84 -2.06
N GLU B 66 -6.41 -16.20 -1.14
CA GLU B 66 -6.22 -15.49 0.11
C GLU B 66 -6.03 -13.98 -0.11
N ASP B 67 -5.15 -13.63 -1.05
CA ASP B 67 -4.88 -12.23 -1.34
C ASP B 67 -6.10 -11.53 -1.95
N ALA B 68 -6.91 -12.26 -2.69
CA ALA B 68 -8.11 -11.69 -3.27
C ALA B 68 -9.09 -11.35 -2.15
N LEU B 69 -9.28 -12.31 -1.25
CA LEU B 69 -10.12 -12.08 -0.09
C LEU B 69 -9.64 -10.87 0.71
N ARG B 70 -8.35 -10.83 1.02
CA ARG B 70 -7.78 -9.72 1.80
C ARG B 70 -7.97 -8.37 1.08
N LEU B 71 -7.75 -8.35 -0.23
CA LEU B 71 -7.91 -7.12 -0.99
C LEU B 71 -9.35 -6.61 -0.94
N LEU B 72 -10.29 -7.50 -1.25
CA LEU B 72 -11.71 -7.15 -1.22
C LEU B 72 -12.10 -6.65 0.17
N GLN B 73 -11.74 -7.42 1.20
CA GLN B 73 -12.01 -7.06 2.60
C GLN B 73 -11.49 -5.67 2.93
N CYS B 74 -10.32 -5.37 2.38
CA CYS B 74 -9.67 -4.08 2.61
C CYS B 74 -10.45 -2.95 1.94
N ALA B 75 -10.93 -3.19 0.72
CA ALA B 75 -11.62 -2.14 -0.03
C ALA B 75 -13.13 -2.05 0.21
N GLU B 76 -13.68 -3.01 0.95
CA GLU B 76 -15.13 -3.07 1.20
C GLU B 76 -15.81 -1.74 1.58
N PRO B 77 -15.31 -1.04 2.62
CA PRO B 77 -16.01 0.18 3.04
C PRO B 77 -15.93 1.35 2.05
N TYR B 78 -15.03 1.28 1.08
CA TYR B 78 -14.72 2.41 0.20
C TYR B 78 -15.44 2.43 -1.15
N LYS B 79 -15.06 3.37 -2.02
CA LYS B 79 -15.68 3.43 -3.34
C LYS B 79 -14.89 2.57 -4.32
N VAL B 80 -15.57 1.58 -4.89
CA VAL B 80 -14.88 0.63 -5.75
C VAL B 80 -15.75 0.26 -6.95
N SER B 81 -15.12 0.17 -8.12
CA SER B 81 -15.79 -0.36 -9.30
C SER B 81 -15.03 -1.61 -9.74
N PHE B 82 -15.73 -2.52 -10.41
CA PHE B 82 -15.11 -3.76 -10.88
C PHE B 82 -15.11 -3.86 -12.41
N CYS B 83 -14.13 -4.57 -12.94
CA CYS B 83 -14.12 -4.94 -14.35
CA CYS B 83 -14.13 -4.95 -14.35
C CYS B 83 -14.33 -6.45 -14.43
N LEU B 84 -15.48 -6.88 -14.95
CA LEU B 84 -15.80 -8.30 -14.95
C LEU B 84 -16.09 -8.89 -16.33
N LYS B 85 -15.90 -10.20 -16.44
CA LYS B 85 -16.20 -10.95 -17.64
C LYS B 85 -17.40 -11.85 -17.36
N ARG B 86 -18.44 -11.77 -18.18
CA ARG B 86 -19.66 -12.54 -17.95
C ARG B 86 -20.18 -13.19 -19.23
N THR B 87 -20.89 -14.31 -19.09
CA THR B 87 -21.48 -14.97 -20.24
C THR B 87 -22.99 -15.18 -20.09
N VAL B 88 -23.78 -14.53 -20.93
CA VAL B 88 -25.21 -14.84 -21.06
C VAL B 88 -25.76 -14.17 -22.34
N PRO B 89 -27.02 -14.47 -22.73
CA PRO B 89 -27.79 -13.61 -23.64
C PRO B 89 -28.66 -12.62 -22.84
N THR B 90 -29.39 -11.68 -23.45
CA THR B 90 -29.26 -11.28 -24.86
C THR B 90 -29.30 -9.74 -24.97
N GLY B 91 -28.26 -9.17 -25.58
CA GLY B 91 -28.17 -7.73 -25.71
C GLY B 91 -28.34 -7.14 -27.11
N ASP B 92 -28.77 -7.96 -28.07
CA ASP B 92 -28.74 -7.60 -29.49
C ASP B 92 -29.27 -6.21 -29.84
N LEU C 4 25.06 -23.05 21.40
CA LEU C 4 24.78 -21.96 20.48
C LEU C 4 23.36 -21.43 20.70
N VAL C 5 23.27 -20.24 21.30
CA VAL C 5 21.98 -19.71 21.76
C VAL C 5 21.78 -18.24 21.36
N GLU C 6 20.52 -17.85 21.13
CA GLU C 6 20.21 -16.46 20.80
C GLU C 6 20.06 -15.60 22.06
N ILE C 7 20.54 -14.37 22.00
CA ILE C 7 20.43 -13.43 23.12
C ILE C 7 19.73 -12.15 22.71
N ILE C 8 19.00 -11.53 23.64
CA ILE C 8 18.42 -10.21 23.40
C ILE C 8 19.19 -9.17 24.19
N VAL C 9 19.83 -8.24 23.48
CA VAL C 9 20.65 -7.22 24.11
C VAL C 9 20.04 -5.84 23.88
N GLU C 10 20.18 -4.96 24.87
CA GLU C 10 19.80 -3.57 24.70
C GLU C 10 21.04 -2.68 24.83
N THR C 11 21.41 -2.01 23.74
CA THR C 11 22.59 -1.15 23.73
C THR C 11 22.41 0.08 24.62
N GLU C 12 23.51 0.69 25.01
CA GLU C 12 23.47 1.96 25.73
C GLU C 12 22.83 2.99 24.81
N ALA C 13 22.02 3.88 25.37
CA ALA C 13 21.47 4.93 24.53
C ALA C 13 22.62 5.86 24.17
N GLN C 14 22.85 6.00 22.88
CA GLN C 14 24.09 6.62 22.42
C GLN C 14 23.93 7.32 21.08
N THR C 15 24.62 8.45 20.95
CA THR C 15 24.64 9.21 19.72
C THR C 15 25.49 8.54 18.64
N GLY C 16 25.31 8.94 17.39
CA GLY C 16 26.08 8.37 16.29
C GLY C 16 25.63 7.02 15.76
N VAL C 17 24.34 6.92 15.49
CA VAL C 17 23.80 5.79 14.75
C VAL C 17 24.26 5.78 13.29
N SER C 18 24.85 6.87 12.84
CA SER C 18 25.28 7.03 11.43
C SER C 18 26.41 6.10 10.99
N GLY C 19 26.20 5.40 9.88
CA GLY C 19 27.21 4.48 9.38
C GLY C 19 26.90 3.00 9.53
N ILE C 20 25.72 2.66 10.03
CA ILE C 20 25.33 1.26 10.11
C ILE C 20 24.85 0.78 8.74
N ASN C 21 25.53 -0.23 8.19
CA ASN C 21 25.07 -0.82 6.94
C ASN C 21 24.20 -2.03 7.20
N VAL C 22 23.01 -2.04 6.61
CA VAL C 22 22.02 -3.08 6.89
C VAL C 22 21.62 -3.85 5.64
N ALA C 23 21.04 -5.03 5.83
CA ALA C 23 20.57 -5.85 4.73
C ALA C 23 19.24 -6.53 5.08
N GLY C 24 18.50 -6.93 4.06
CA GLY C 24 17.23 -7.60 4.27
C GLY C 24 16.04 -6.65 4.31
N GLY C 25 14.91 -7.15 4.81
CA GLY C 25 13.70 -6.37 4.94
C GLY C 25 12.49 -7.28 4.85
N GLY C 26 11.30 -6.72 5.01
CA GLY C 26 10.08 -7.50 4.91
C GLY C 26 10.03 -8.67 5.88
N LYS C 27 9.83 -9.87 5.34
CA LYS C 27 9.71 -11.07 6.15
C LYS C 27 11.02 -11.48 6.82
N GLU C 28 12.13 -11.30 6.13
CA GLU C 28 13.43 -11.75 6.61
C GLU C 28 13.83 -11.05 7.91
N GLY C 29 13.63 -9.73 7.95
CA GLY C 29 14.00 -8.94 9.11
C GLY C 29 15.29 -8.17 8.90
N ILE C 30 15.41 -7.03 9.59
CA ILE C 30 16.59 -6.17 9.46
C ILE C 30 17.80 -6.75 10.20
N PHE C 31 18.93 -6.84 9.50
CA PHE C 31 20.18 -7.27 10.12
C PHE C 31 21.24 -6.22 9.85
N VAL C 32 22.35 -6.26 10.58
CA VAL C 32 23.45 -5.36 10.28
C VAL C 32 24.54 -6.11 9.51
N ARG C 33 24.91 -5.57 8.35
CA ARG C 33 25.94 -6.16 7.52
C ARG C 33 27.29 -5.86 8.16
N GLU C 34 27.64 -4.58 8.19
CA GLU C 34 28.82 -4.13 8.92
C GLU C 34 28.69 -2.66 9.23
N LEU C 35 29.47 -2.19 10.20
CA LEU C 35 29.58 -0.76 10.45
C LEU C 35 30.57 -0.20 9.43
N ARG C 36 30.16 0.86 8.73
CA ARG C 36 31.01 1.49 7.71
C ARG C 36 32.31 1.94 8.36
N GLU C 37 33.41 1.82 7.64
CA GLU C 37 34.71 2.17 8.20
C GLU C 37 34.82 3.68 8.41
N ASP C 38 35.42 4.07 9.53
CA ASP C 38 35.58 5.47 9.91
C ASP C 38 34.26 6.17 10.27
N SER C 39 33.14 5.46 10.10
CA SER C 39 31.83 6.01 10.39
C SER C 39 31.59 6.15 11.90
N PRO C 40 30.68 7.06 12.30
CA PRO C 40 30.35 7.28 13.71
C PRO C 40 29.89 6.02 14.46
N ALA C 41 29.21 5.12 13.76
CA ALA C 41 28.75 3.88 14.37
C ALA C 41 29.93 2.93 14.67
N ALA C 42 30.88 2.87 13.73
CA ALA C 42 32.07 2.04 13.91
C ALA C 42 32.90 2.50 15.12
N ARG C 43 32.97 3.81 15.31
CA ARG C 43 33.69 4.38 16.45
C ARG C 43 32.94 4.23 17.78
N SER C 44 31.68 4.66 17.79
CA SER C 44 30.85 4.63 19.00
C SER C 44 30.14 3.33 19.38
N LEU C 45 29.66 2.58 18.39
CA LEU C 45 28.63 1.58 18.66
C LEU C 45 29.15 0.16 18.78
N SER C 46 28.49 -0.61 19.63
CA SER C 46 28.91 -1.98 19.95
C SER C 46 28.27 -3.02 19.03
N LEU C 47 27.53 -2.57 18.03
CA LEU C 47 26.88 -3.46 17.06
C LEU C 47 27.86 -4.33 16.27
N GLN C 48 27.54 -5.61 16.15
CA GLN C 48 28.40 -6.57 15.45
C GLN C 48 27.65 -7.17 14.26
N GLU C 49 28.39 -7.64 13.24
CA GLU C 49 27.78 -8.30 12.09
C GLU C 49 26.90 -9.47 12.50
N GLY C 50 25.75 -9.61 11.83
CA GLY C 50 24.86 -10.72 12.08
C GLY C 50 23.72 -10.38 13.04
N ASP C 51 23.87 -9.26 13.75
CA ASP C 51 22.85 -8.83 14.69
C ASP C 51 21.54 -8.51 13.99
N GLN C 52 20.44 -9.05 14.50
CA GLN C 52 19.12 -8.65 14.05
C GLN C 52 18.64 -7.52 14.93
N LEU C 53 18.26 -6.40 14.34
CA LEU C 53 17.76 -5.28 15.12
C LEU C 53 16.26 -5.45 15.32
N LEU C 54 15.84 -5.62 16.56
CA LEU C 54 14.43 -5.76 16.88
C LEU C 54 13.71 -4.41 16.90
N SER C 55 14.31 -3.45 17.59
CA SER C 55 13.70 -2.14 17.71
C SER C 55 14.76 -1.06 17.87
N ALA C 56 14.37 0.18 17.60
CA ALA C 56 15.24 1.31 17.81
C ALA C 56 14.52 2.34 18.67
N ARG C 57 15.16 2.74 19.77
CA ARG C 57 14.59 3.76 20.66
CA ARG C 57 14.59 3.75 20.65
C ARG C 57 15.30 5.10 20.43
N VAL C 58 14.56 6.06 19.89
CA VAL C 58 15.11 7.38 19.57
C VAL C 58 14.69 8.42 20.61
N PHE C 59 15.66 9.11 21.19
CA PHE C 59 15.40 10.05 22.27
C PHE C 59 15.21 11.48 21.75
N PHE C 60 14.24 12.19 22.33
CA PHE C 60 13.82 13.49 21.82
C PHE C 60 14.57 14.69 22.40
N GLU C 61 15.58 14.43 23.22
CA GLU C 61 16.42 15.48 23.78
C GLU C 61 17.06 16.36 22.70
N ASN C 62 16.93 17.67 22.86
CA ASN C 62 17.45 18.66 21.90
CA ASN C 62 17.47 18.65 21.91
C ASN C 62 17.13 18.35 20.45
N PHE C 63 15.86 18.01 20.20
CA PHE C 63 15.40 17.61 18.88
C PHE C 63 15.00 18.79 18.00
N LYS C 64 15.30 18.70 16.71
CA LYS C 64 14.79 19.65 15.74
C LYS C 64 13.31 19.33 15.47
N TYR C 65 12.49 20.37 15.45
CA TYR C 65 11.05 20.22 15.24
C TYR C 65 10.74 19.48 13.95
N GLU C 66 11.37 19.93 12.86
CA GLU C 66 11.19 19.33 11.55
C GLU C 66 11.75 17.91 11.50
N ASP C 67 12.77 17.64 12.29
CA ASP C 67 13.35 16.30 12.39
C ASP C 67 12.40 15.38 13.15
N ALA C 68 11.68 15.93 14.12
CA ALA C 68 10.71 15.17 14.86
C ALA C 68 9.54 14.82 13.94
N LEU C 69 9.13 15.80 13.13
CA LEU C 69 8.07 15.55 12.16
C LEU C 69 8.49 14.50 11.12
N ARG C 70 9.73 14.58 10.66
CA ARG C 70 10.23 13.64 9.65
C ARG C 70 10.39 12.23 10.21
N LEU C 71 10.88 12.13 11.44
CA LEU C 71 11.01 10.86 12.13
C LEU C 71 9.63 10.22 12.34
N LEU C 72 8.70 11.00 12.87
CA LEU C 72 7.34 10.49 13.06
C LEU C 72 6.71 10.13 11.71
N GLN C 73 7.18 10.77 10.65
CA GLN C 73 6.69 10.49 9.31
C GLN C 73 7.22 9.16 8.78
N CYS C 74 8.47 8.84 9.10
CA CYS C 74 9.06 7.60 8.62
C CYS C 74 8.46 6.37 9.28
N ALA C 75 8.03 6.51 10.54
CA ALA C 75 7.56 5.38 11.32
C ALA C 75 6.06 5.13 11.23
N GLU C 76 5.38 5.94 10.42
CA GLU C 76 3.92 5.84 10.27
C GLU C 76 3.40 4.41 10.02
N PRO C 77 3.98 3.69 9.04
CA PRO C 77 3.45 2.34 8.79
C PRO C 77 3.71 1.33 9.90
N TYR C 78 4.66 1.59 10.78
CA TYR C 78 5.07 0.57 11.74
C TYR C 78 4.53 0.80 13.14
N LYS C 79 4.81 -0.14 14.04
CA LYS C 79 4.30 -0.07 15.40
C LYS C 79 5.32 0.53 16.34
N VAL C 80 4.86 1.45 17.18
CA VAL C 80 5.75 2.19 18.05
C VAL C 80 5.20 2.32 19.46
N SER C 81 6.09 2.31 20.44
CA SER C 81 5.73 2.66 21.80
C SER C 81 6.37 4.00 22.12
N PHE C 82 5.69 4.79 22.97
CA PHE C 82 6.22 6.08 23.38
C PHE C 82 6.45 6.14 24.88
N CYS C 83 7.52 6.84 25.26
CA CYS C 83 7.80 7.15 26.65
C CYS C 83 7.48 8.64 26.85
N LEU C 84 6.59 8.95 27.78
CA LEU C 84 6.06 10.31 27.89
C LEU C 84 5.91 10.86 29.31
N LYS C 85 5.79 12.20 29.41
CA LYS C 85 5.65 12.91 30.69
C LYS C 85 4.29 13.62 30.82
N ARG C 86 3.55 13.31 31.88
CA ARG C 86 2.18 13.83 32.07
C ARG C 86 1.91 14.26 33.52
N THR C 87 1.02 15.22 33.73
CA THR C 87 0.78 15.78 35.07
C THR C 87 -0.69 15.79 35.55
N VAL C 88 -0.92 15.21 36.74
CA VAL C 88 -2.20 15.25 37.47
C VAL C 88 -2.10 14.39 38.74
N PRO C 89 -2.79 14.78 39.84
CA PRO C 89 -2.82 13.86 40.98
C PRO C 89 -3.72 12.66 40.72
#